data_5THG
#
_entry.id   5THG
#
_cell.length_a   75.959
_cell.length_b   112.351
_cell.length_c   122.879
_cell.angle_alpha   90.00
_cell.angle_beta   90.00
_cell.angle_gamma   90.00
#
_symmetry.space_group_name_H-M   'P 21 21 21'
#
loop_
_entity.id
_entity.type
_entity.pdbx_description
1 polymer I-OnuI_e-hCCR5
2 polymer 'DNA (29-MER)'
3 polymer 'DNA (29-MER)'
4 non-polymer 'CALCIUM ION'
5 non-polymer GLYCEROL
6 water water
#
loop_
_entity_poly.entity_id
_entity_poly.type
_entity_poly.pdbx_seq_one_letter_code
_entity_poly.pdbx_strand_id
1 'polypeptide(L)'
;QGPMESRRESINPWILTGFTDAEGSFMLRIRNTNNRSVGYYTSLVFEITLHNKDKSILENIQSTWKVGTINNRGDGTARL
SVTRFEDLKVIIDHFEKYPLITQKLGDYKLFKQAFSVMENKEHLKENGIKELVRIKAKMNWGLNDELKKAFPENISKERP
LINKNIPNLKWLAGFTSGEGTFYVHLAKSEASGKVYVRLRFIIGQHIRDKNLMNSLITYLGCGTIQEKNRSKGSMLHFIV
TKFSDINDKIIPVFQENTLIGVKLEDFEDWCKVAKLIEEKKHLTESGLDEIKKIKLNMNKGRVF
;
A,D
2 'polydeoxyribonucleotide'
;(DC)(DC)(DA)(DC)(DC)(DT)(DT)(DC)(DC)(DA)(DG)(DG)(DA)(DA)(DT)(DT)(DC)(DT)(DT)(DT)
(DG)(DG)(DC)(DC)(DT)(DG)(DC)(DA)(DC)
;
B,E
3 'polydeoxyribonucleotide'
;(DG)(DG)(DT)(DG)(DC)(DA)(DG)(DG)(DC)(DC)(DA)(DA)(DA)(DG)(DA)(DA)(DT)(DT)(DC)(DC)
(DT)(DG)(DG)(DA)(DA)(DG)(DG)(DT)(DG)
;
C,F
#
loop_
_chem_comp.id
_chem_comp.type
_chem_comp.name
_chem_comp.formula
CA non-polymer 'CALCIUM ION' 'Ca 2'
DA DNA linking 2'-DEOXYADENOSINE-5'-MONOPHOSPHATE 'C10 H14 N5 O6 P'
DC DNA linking 2'-DEOXYCYTIDINE-5'-MONOPHOSPHATE 'C9 H14 N3 O7 P'
DG DNA linking 2'-DEOXYGUANOSINE-5'-MONOPHOSPHATE 'C10 H14 N5 O7 P'
DT DNA linking THYMIDINE-5'-MONOPHOSPHATE 'C10 H15 N2 O8 P'
GOL non-polymer GLYCEROL 'C3 H8 O3'
#
# COMPACT_ATOMS: atom_id res chain seq x y z
N ARG A 8 5.80 -16.21 15.22
CA ARG A 8 6.05 -16.51 16.62
C ARG A 8 7.51 -16.86 16.85
N GLU A 9 7.78 -17.60 17.92
CA GLU A 9 9.10 -17.99 18.37
C GLU A 9 10.10 -18.31 17.25
N SER A 10 11.39 -18.26 17.59
CA SER A 10 12.49 -18.64 16.71
C SER A 10 13.02 -20.02 17.09
N ILE A 11 13.82 -20.60 16.20
CA ILE A 11 14.25 -21.99 16.34
C ILE A 11 15.74 -22.08 16.62
N ASN A 12 16.12 -23.12 17.36
CA ASN A 12 17.50 -23.42 17.63
C ASN A 12 18.28 -23.60 16.32
N PRO A 13 19.54 -23.20 16.29
CA PRO A 13 20.29 -23.26 15.02
C PRO A 13 20.40 -24.67 14.46
N TRP A 14 20.71 -25.64 15.31
CA TRP A 14 20.89 -27.00 14.82
C TRP A 14 19.56 -27.62 14.42
N ILE A 15 18.49 -27.30 15.14
CA ILE A 15 17.18 -27.71 14.68
C ILE A 15 16.92 -27.14 13.29
N LEU A 16 17.31 -25.88 13.08
CA LEU A 16 17.11 -25.26 11.77
C LEU A 16 17.88 -26.00 10.68
N THR A 17 19.17 -26.26 10.92
CA THR A 17 19.99 -26.93 9.92
C THR A 17 19.46 -28.33 9.63
N GLY A 18 19.07 -29.07 10.66
CA GLY A 18 18.56 -30.40 10.45
C GLY A 18 17.34 -30.37 9.56
N PHE A 19 16.30 -29.66 9.97
CA PHE A 19 15.08 -29.55 9.19
C PHE A 19 15.37 -29.11 7.75
N THR A 20 16.42 -28.34 7.53
CA THR A 20 16.76 -27.93 6.18
C THR A 20 17.37 -29.07 5.39
N ASP A 21 18.10 -29.97 6.05
CA ASP A 21 18.60 -31.15 5.36
C ASP A 21 17.44 -32.00 4.85
N ALA A 22 16.35 -32.06 5.61
CA ALA A 22 15.19 -32.83 5.19
C ALA A 22 14.44 -32.14 4.06
N GLU A 23 14.02 -30.89 4.27
CA GLU A 23 13.23 -30.14 3.31
C GLU A 23 14.00 -28.91 2.85
N GLY A 24 13.58 -28.36 1.72
CA GLY A 24 14.14 -27.13 1.21
C GLY A 24 15.06 -27.36 0.02
N SER A 25 15.22 -26.31 -0.78
CA SER A 25 16.02 -26.39 -1.99
C SER A 25 16.81 -25.10 -2.19
N PHE A 26 18.08 -25.25 -2.59
CA PHE A 26 18.92 -24.13 -2.99
C PHE A 26 19.02 -24.15 -4.51
N MET A 27 18.63 -23.05 -5.14
CA MET A 27 18.50 -23.01 -6.60
C MET A 27 19.18 -21.79 -7.18
N LEU A 28 19.75 -21.97 -8.37
CA LEU A 28 20.43 -20.94 -9.12
C LEU A 28 19.71 -20.80 -10.46
N ARG A 29 18.95 -19.72 -10.61
CA ARG A 29 18.28 -19.41 -11.86
C ARG A 29 19.24 -18.64 -12.77
N ILE A 30 19.34 -19.06 -14.02
CA ILE A 30 20.15 -18.38 -15.03
C ILE A 30 19.26 -18.25 -16.26
N ARG A 31 18.73 -17.05 -16.48
CA ARG A 31 17.74 -16.83 -17.54
C ARG A 31 18.20 -15.71 -18.46
N ASN A 32 18.11 -15.94 -19.76
CA ASN A 32 18.53 -14.95 -20.73
C ASN A 32 17.60 -13.74 -20.67
N THR A 33 18.10 -12.61 -21.15
CA THR A 33 17.39 -11.34 -21.04
C THR A 33 16.32 -11.25 -22.11
N ASN A 34 15.06 -11.07 -21.67
CA ASN A 34 14.00 -10.77 -22.62
C ASN A 34 14.29 -9.50 -23.40
N ASN A 35 15.25 -8.70 -22.95
CA ASN A 35 15.65 -7.49 -23.66
C ASN A 35 16.62 -7.86 -24.77
N ARG A 36 16.69 -6.98 -25.78
CA ARG A 36 17.67 -7.16 -26.84
C ARG A 36 19.07 -7.40 -26.28
N SER A 37 19.32 -6.98 -25.05
CA SER A 37 20.57 -7.28 -24.37
C SER A 37 20.89 -8.76 -24.49
N VAL A 38 21.91 -9.10 -25.26
CA VAL A 38 22.34 -10.49 -25.39
C VAL A 38 23.15 -10.81 -24.16
N GLY A 39 22.47 -11.14 -23.07
CA GLY A 39 23.08 -11.36 -21.78
C GLY A 39 22.26 -12.33 -20.96
N TYR A 40 22.50 -12.37 -19.65
CA TYR A 40 21.79 -13.31 -18.81
C TYR A 40 21.57 -12.71 -17.43
N TYR A 41 20.36 -12.83 -16.91
CA TYR A 41 20.07 -12.44 -15.55
C TYR A 41 20.17 -13.67 -14.66
N THR A 42 20.91 -13.54 -13.57
CA THR A 42 21.16 -14.65 -12.65
C THR A 42 20.50 -14.34 -11.32
N SER A 43 19.64 -15.25 -10.86
CA SER A 43 18.95 -15.10 -9.60
C SER A 43 19.37 -16.22 -8.67
N LEU A 44 19.48 -15.91 -7.38
CA LEU A 44 19.77 -16.90 -6.35
C LEU A 44 18.56 -16.99 -5.43
N VAL A 45 18.12 -18.22 -5.16
CA VAL A 45 16.89 -18.44 -4.41
C VAL A 45 17.08 -19.63 -3.48
N PHE A 46 16.65 -19.49 -2.23
CA PHE A 46 16.48 -20.62 -1.32
C PHE A 46 15.03 -20.62 -0.87
N GLU A 47 14.29 -21.66 -1.23
CA GLU A 47 12.87 -21.66 -0.94
C GLU A 47 12.43 -23.00 -0.40
N ILE A 48 11.46 -22.95 0.51
CA ILE A 48 10.82 -24.11 1.10
C ILE A 48 9.33 -24.01 0.81
N THR A 49 8.71 -25.15 0.53
CA THR A 49 7.27 -25.21 0.27
C THR A 49 6.70 -26.37 1.09
N LEU A 50 5.75 -26.07 1.96
CA LEU A 50 5.21 -27.06 2.88
C LEU A 50 3.69 -27.00 2.87
N HIS A 51 3.10 -28.06 3.41
CA HIS A 51 1.66 -28.08 3.63
C HIS A 51 1.29 -27.04 4.68
N ASN A 52 0.11 -26.45 4.53
CA ASN A 52 -0.28 -25.36 5.43
C ASN A 52 -0.16 -25.75 6.90
N LYS A 53 -0.31 -27.03 7.21
CA LYS A 53 -0.22 -27.45 8.60
C LYS A 53 1.03 -26.88 9.27
N ASP A 54 2.13 -26.83 8.54
CA ASP A 54 3.42 -26.43 9.09
C ASP A 54 3.82 -25.01 8.70
N LYS A 55 2.86 -24.20 8.26
CA LYS A 55 3.17 -22.81 7.94
C LYS A 55 3.89 -22.12 9.10
N SER A 56 3.52 -22.44 10.33
CA SER A 56 4.15 -21.79 11.48
C SER A 56 5.67 -21.93 11.40
N ILE A 57 6.15 -23.10 11.01
CA ILE A 57 7.59 -23.29 10.84
C ILE A 57 8.15 -22.23 9.91
N LEU A 58 7.55 -22.10 8.73
CA LEU A 58 7.98 -21.08 7.79
C LEU A 58 8.06 -19.72 8.46
N GLU A 59 7.11 -19.41 9.35
CA GLU A 59 7.19 -18.17 10.10
C GLU A 59 8.42 -18.17 11.00
N ASN A 60 8.54 -19.19 11.84
CA ASN A 60 9.62 -19.19 12.84
C ASN A 60 10.98 -19.13 12.16
N ILE A 61 11.14 -19.83 11.03
CA ILE A 61 12.37 -19.66 10.25
C ILE A 61 12.58 -18.19 9.92
N GLN A 62 11.58 -17.57 9.31
CA GLN A 62 11.64 -16.14 9.04
C GLN A 62 11.97 -15.37 10.31
N SER A 63 11.14 -15.56 11.35
CA SER A 63 11.37 -14.89 12.62
C SER A 63 12.80 -15.08 13.11
N THR A 64 13.45 -16.18 12.71
CA THR A 64 14.83 -16.47 13.13
C THR A 64 15.84 -15.79 12.22
N TRP A 65 15.58 -15.73 10.92
CA TRP A 65 16.50 -15.11 9.99
C TRP A 65 16.14 -13.67 9.68
N LYS A 66 14.86 -13.31 9.80
CA LYS A 66 14.38 -11.96 9.52
C LYS A 66 14.65 -11.56 8.08
N VAL A 67 14.60 -12.52 7.17
CA VAL A 67 14.74 -12.27 5.75
C VAL A 67 13.73 -13.13 5.01
N GLY A 68 13.68 -12.97 3.69
CA GLY A 68 12.79 -13.79 2.88
C GLY A 68 11.33 -13.45 3.10
N THR A 69 10.50 -13.77 2.11
CA THR A 69 9.07 -13.55 2.17
C THR A 69 8.34 -14.88 2.33
N ILE A 70 7.08 -14.80 2.76
CA ILE A 70 6.24 -15.97 2.98
C ILE A 70 4.98 -15.80 2.14
N ASN A 71 4.84 -16.61 1.11
CA ASN A 71 3.71 -16.54 0.21
C ASN A 71 2.71 -17.65 0.52
N ASN A 72 1.43 -17.30 0.59
CA ASN A 72 0.37 -18.29 0.79
C ASN A 72 -0.18 -18.68 -0.57
N ARG A 73 -0.06 -19.96 -0.91
CA ARG A 73 -0.43 -20.45 -2.23
C ARG A 73 -1.83 -21.06 -2.20
N GLY A 74 -2.45 -21.11 -3.39
CA GLY A 74 -3.69 -21.85 -3.56
C GLY A 74 -3.50 -23.35 -3.64
N ASP A 75 -2.27 -23.80 -3.84
CA ASP A 75 -1.93 -25.22 -3.82
C ASP A 75 -2.35 -25.92 -2.54
N GLY A 76 -2.78 -25.16 -1.54
CA GLY A 76 -2.90 -25.71 -0.20
C GLY A 76 -1.58 -25.77 0.53
N THR A 77 -0.58 -25.02 0.09
CA THR A 77 0.74 -24.99 0.69
C THR A 77 1.17 -23.55 0.95
N ALA A 78 2.32 -23.41 1.62
CA ALA A 78 2.91 -22.12 1.92
C ALA A 78 4.39 -22.17 1.56
N ARG A 79 4.93 -21.04 1.11
CA ARG A 79 6.29 -21.00 0.60
C ARG A 79 7.07 -19.85 1.21
N LEU A 80 8.33 -20.12 1.54
CA LEU A 80 9.26 -19.12 2.05
C LEU A 80 10.41 -18.98 1.05
N SER A 81 10.62 -17.78 0.56
CA SER A 81 11.66 -17.52 -0.42
C SER A 81 12.64 -16.46 0.09
N VAL A 82 13.93 -16.70 -0.14
CA VAL A 82 14.98 -15.74 0.14
C VAL A 82 15.80 -15.59 -1.13
N THR A 83 15.65 -14.47 -1.82
CA THR A 83 16.44 -14.18 -3.01
C THR A 83 17.10 -12.82 -2.98
N ARG A 84 16.65 -11.89 -2.15
CA ARG A 84 17.34 -10.62 -1.99
C ARG A 84 18.82 -10.87 -1.71
N PHE A 85 19.66 -10.40 -2.62
CA PHE A 85 21.06 -10.83 -2.64
C PHE A 85 21.72 -10.69 -1.27
N GLU A 86 21.67 -9.48 -0.69
CA GLU A 86 22.35 -9.27 0.58
C GLU A 86 21.77 -10.13 1.70
N ASP A 87 20.46 -10.39 1.66
CA ASP A 87 19.86 -11.25 2.68
C ASP A 87 20.48 -12.64 2.66
N LEU A 88 20.88 -13.10 1.48
CA LEU A 88 21.48 -14.42 1.38
C LEU A 88 22.69 -14.56 2.32
N LYS A 89 23.36 -13.45 2.62
CA LYS A 89 24.49 -13.53 3.53
C LYS A 89 24.08 -14.25 4.82
N VAL A 90 22.95 -13.84 5.39
CA VAL A 90 22.44 -14.50 6.59
C VAL A 90 22.49 -16.01 6.40
N ILE A 91 21.78 -16.50 5.38
CA ILE A 91 21.73 -17.93 5.11
C ILE A 91 23.14 -18.52 5.14
N ILE A 92 24.01 -17.99 4.27
CA ILE A 92 25.36 -18.55 4.17
C ILE A 92 26.05 -18.50 5.52
N ASP A 93 25.93 -17.38 6.23
CA ASP A 93 26.54 -17.30 7.55
C ASP A 93 26.05 -18.43 8.44
N HIS A 94 24.76 -18.71 8.41
CA HIS A 94 24.21 -19.83 9.19
C HIS A 94 24.91 -21.13 8.83
N PHE A 95 24.77 -21.57 7.59
CA PHE A 95 25.24 -22.89 7.17
C PHE A 95 26.74 -23.03 7.12
N GLU A 96 27.49 -21.98 7.42
CA GLU A 96 28.91 -22.13 7.68
C GLU A 96 29.16 -22.42 9.15
N LYS A 97 28.37 -21.84 10.03
CA LYS A 97 28.49 -22.09 11.45
C LYS A 97 27.73 -23.35 11.89
N TYR A 98 26.82 -23.85 11.05
CA TYR A 98 26.04 -25.05 11.36
C TYR A 98 25.84 -25.82 10.08
N PRO A 99 26.86 -26.55 9.63
CA PRO A 99 26.81 -27.12 8.28
C PRO A 99 25.81 -28.27 8.17
N LEU A 100 25.36 -28.48 6.94
CA LEU A 100 24.54 -29.63 6.61
C LEU A 100 25.39 -30.90 6.59
N ILE A 101 24.75 -32.04 6.34
CA ILE A 101 25.48 -33.30 6.34
C ILE A 101 24.96 -34.20 5.22
N THR A 102 23.75 -33.94 4.73
CA THR A 102 23.24 -34.76 3.65
C THR A 102 23.82 -34.32 2.32
N GLN A 103 23.43 -35.01 1.25
CA GLN A 103 23.91 -34.62 -0.06
C GLN A 103 23.51 -33.20 -0.41
N LYS A 104 22.46 -32.67 0.23
CA LYS A 104 22.11 -31.27 0.00
C LYS A 104 23.30 -30.35 0.25
N LEU A 105 24.19 -30.73 1.17
CA LEU A 105 25.39 -29.96 1.41
C LEU A 105 26.08 -29.62 0.11
N GLY A 106 26.27 -30.61 -0.76
CA GLY A 106 26.91 -30.36 -2.02
C GLY A 106 26.24 -29.21 -2.73
N ASP A 107 24.94 -29.31 -2.94
CA ASP A 107 24.20 -28.23 -3.59
C ASP A 107 24.44 -26.91 -2.87
N TYR A 108 24.30 -26.89 -1.55
CA TYR A 108 24.52 -25.65 -0.82
C TYR A 108 25.90 -25.09 -1.12
N LYS A 109 26.92 -25.94 -1.10
CA LYS A 109 28.26 -25.45 -1.40
C LYS A 109 28.28 -24.75 -2.74
N LEU A 110 27.73 -25.38 -3.78
CA LEU A 110 27.67 -24.73 -5.08
C LEU A 110 26.97 -23.39 -4.96
N PHE A 111 25.85 -23.35 -4.24
CA PHE A 111 25.19 -22.10 -3.88
C PHE A 111 26.22 -21.07 -3.42
N LYS A 112 26.93 -21.39 -2.33
CA LYS A 112 27.94 -20.48 -1.82
C LYS A 112 28.87 -20.05 -2.94
N GLN A 113 29.39 -21.00 -3.70
CA GLN A 113 30.28 -20.67 -4.81
C GLN A 113 29.63 -19.62 -5.70
N ALA A 114 28.42 -19.90 -6.19
CA ALA A 114 27.74 -18.95 -7.06
C ALA A 114 27.64 -17.58 -6.40
N PHE A 115 27.32 -17.55 -5.10
CA PHE A 115 27.18 -16.26 -4.43
C PHE A 115 28.47 -15.45 -4.54
N SER A 116 29.61 -16.09 -4.32
CA SER A 116 30.87 -15.38 -4.40
C SER A 116 31.12 -14.84 -5.81
N VAL A 117 30.75 -15.62 -6.84
CA VAL A 117 30.91 -15.13 -8.21
C VAL A 117 30.09 -13.87 -8.43
N MET A 118 28.87 -13.84 -7.90
CA MET A 118 28.03 -12.66 -8.08
C MET A 118 28.39 -11.53 -7.14
N GLU A 119 29.08 -11.83 -6.03
CA GLU A 119 29.42 -10.78 -5.08
C GLU A 119 30.36 -9.76 -5.70
N ASN A 120 31.30 -10.21 -6.52
CA ASN A 120 32.18 -9.32 -7.26
C ASN A 120 31.45 -8.57 -8.36
N LYS A 121 30.13 -8.69 -8.48
CA LYS A 121 29.37 -7.99 -9.51
C LYS A 121 29.95 -8.25 -10.91
N GLU A 122 30.52 -9.43 -11.09
CA GLU A 122 31.07 -9.82 -12.39
C GLU A 122 30.10 -10.71 -13.16
N HIS A 123 29.02 -11.13 -12.52
CA HIS A 123 28.02 -11.95 -13.19
C HIS A 123 27.49 -11.23 -14.43
N LEU A 124 27.39 -9.91 -14.37
CA LEU A 124 26.99 -9.15 -15.54
C LEU A 124 28.07 -9.17 -16.61
N LYS A 125 29.19 -9.83 -16.36
CA LYS A 125 30.30 -9.93 -17.30
C LYS A 125 30.29 -11.28 -18.00
N GLU A 126 30.93 -11.31 -19.17
CA GLU A 126 31.04 -12.56 -19.91
C GLU A 126 31.68 -13.64 -19.05
N ASN A 127 32.72 -13.27 -18.30
CA ASN A 127 33.29 -14.19 -17.34
C ASN A 127 32.22 -14.69 -16.37
N GLY A 128 31.39 -13.77 -15.86
CA GLY A 128 30.29 -14.19 -15.00
C GLY A 128 29.45 -15.27 -15.62
N ILE A 129 29.00 -15.06 -16.86
CA ILE A 129 28.19 -16.08 -17.53
C ILE A 129 28.96 -17.39 -17.61
N LYS A 130 30.23 -17.33 -18.01
CA LYS A 130 30.99 -18.56 -18.21
C LYS A 130 31.10 -19.36 -16.91
N GLU A 131 31.39 -18.69 -15.80
CA GLU A 131 31.57 -19.39 -14.53
C GLU A 131 30.23 -19.90 -13.99
N LEU A 132 29.23 -19.02 -13.91
CA LEU A 132 27.98 -19.39 -13.26
C LEU A 132 27.31 -20.57 -13.92
N VAL A 133 27.46 -20.72 -15.24
CA VAL A 133 26.93 -21.91 -15.88
C VAL A 133 27.68 -23.15 -15.42
N ARG A 134 29.01 -23.07 -15.36
CA ARG A 134 29.79 -24.20 -14.88
C ARG A 134 29.31 -24.66 -13.51
N ILE A 135 28.70 -23.75 -12.74
CA ILE A 135 28.18 -24.10 -11.43
C ILE A 135 26.79 -24.71 -11.55
N LYS A 136 25.89 -24.09 -12.33
CA LYS A 136 24.52 -24.59 -12.42
C LYS A 136 24.50 -26.00 -12.98
N ALA A 137 25.46 -26.35 -13.83
CA ALA A 137 25.49 -27.68 -14.41
C ALA A 137 25.65 -28.75 -13.34
N LYS A 138 26.27 -28.39 -12.22
CA LYS A 138 26.57 -29.37 -11.19
C LYS A 138 25.42 -29.56 -10.20
N MET A 139 24.68 -28.51 -9.89
CA MET A 139 23.69 -28.55 -8.84
C MET A 139 22.31 -28.87 -9.39
N ASN A 140 21.55 -29.64 -8.62
CA ASN A 140 20.15 -29.95 -8.93
C ASN A 140 20.11 -30.65 -10.29
N TRP A 141 19.10 -30.40 -11.11
CA TRP A 141 18.90 -31.06 -12.39
C TRP A 141 19.85 -30.57 -13.47
N GLY A 142 20.79 -29.70 -13.13
CA GLY A 142 21.72 -29.23 -14.11
C GLY A 142 21.10 -28.24 -15.09
N LEU A 143 21.76 -28.11 -16.22
CA LEU A 143 21.36 -27.12 -17.22
C LEU A 143 20.15 -27.59 -17.99
N ASN A 144 19.23 -26.67 -18.25
CA ASN A 144 18.17 -26.97 -19.20
C ASN A 144 18.74 -27.10 -20.60
N ASP A 145 17.88 -27.53 -21.53
CA ASP A 145 18.36 -27.75 -22.89
C ASP A 145 18.93 -26.47 -23.51
N GLU A 146 18.29 -25.33 -23.24
CA GLU A 146 18.73 -24.08 -23.84
C GLU A 146 20.17 -23.76 -23.46
N LEU A 147 20.44 -23.67 -22.16
CA LEU A 147 21.81 -23.41 -21.72
C LEU A 147 22.75 -24.50 -22.17
N LYS A 148 22.23 -25.72 -22.37
CA LYS A 148 23.08 -26.81 -22.84
C LYS A 148 23.55 -26.56 -24.27
N LYS A 149 22.69 -25.98 -25.11
CA LYS A 149 23.10 -25.65 -26.47
C LYS A 149 23.99 -24.41 -26.51
N ALA A 150 23.68 -23.42 -25.66
CA ALA A 150 24.45 -22.18 -25.68
C ALA A 150 25.86 -22.38 -25.13
N PHE A 151 26.06 -23.32 -24.22
CA PHE A 151 27.35 -23.54 -23.58
C PHE A 151 27.72 -25.00 -23.65
N PRO A 152 28.24 -25.45 -24.78
CA PRO A 152 28.88 -26.78 -24.80
C PRO A 152 30.11 -26.79 -23.91
N GLU A 153 30.05 -27.50 -22.79
CA GLU A 153 31.15 -27.56 -21.83
C GLU A 153 31.27 -28.98 -21.30
N ASN A 154 32.23 -29.18 -20.41
CA ASN A 154 32.50 -30.46 -19.77
C ASN A 154 32.11 -30.35 -18.29
N ILE A 155 31.11 -31.12 -17.88
CA ILE A 155 30.70 -31.13 -16.49
C ILE A 155 30.35 -32.55 -16.07
N GLU A 158 32.03 -34.57 -12.77
CA GLU A 158 31.37 -35.66 -12.04
C GLU A 158 30.71 -35.13 -10.78
N ARG A 159 30.49 -36.03 -9.82
CA ARG A 159 29.78 -35.69 -8.59
C ARG A 159 29.88 -36.85 -7.60
N PRO A 160 30.79 -36.78 -6.63
CA PRO A 160 30.89 -37.85 -5.63
C PRO A 160 29.94 -37.62 -4.46
N LEU A 161 29.60 -38.72 -3.81
CA LEU A 161 28.67 -38.67 -2.69
C LEU A 161 29.34 -38.06 -1.47
N ILE A 162 28.56 -37.34 -0.69
CA ILE A 162 29.05 -36.74 0.54
C ILE A 162 28.81 -37.69 1.71
N ASN A 163 29.76 -37.75 2.64
CA ASN A 163 29.66 -38.63 3.81
C ASN A 163 30.10 -37.85 5.05
N LYS A 164 29.15 -37.14 5.65
CA LYS A 164 29.38 -36.40 6.88
C LYS A 164 28.70 -37.11 8.05
N ASN A 165 29.19 -36.84 9.25
CA ASN A 165 28.71 -37.48 10.46
C ASN A 165 27.66 -36.62 11.15
N ILE A 166 26.63 -37.28 11.69
CA ILE A 166 25.55 -36.59 12.39
C ILE A 166 26.17 -35.73 13.48
N PRO A 167 25.90 -34.44 13.51
CA PRO A 167 26.55 -33.57 14.50
C PRO A 167 26.07 -33.81 15.92
N ASN A 168 24.76 -33.77 16.13
CA ASN A 168 24.20 -33.84 17.48
C ASN A 168 22.75 -34.25 17.40
N LEU A 169 22.09 -34.28 18.55
CA LEU A 169 20.69 -34.70 18.61
C LEU A 169 19.74 -33.61 18.14
N LYS A 170 20.09 -32.34 18.33
CA LYS A 170 19.22 -31.27 17.86
C LYS A 170 19.06 -31.34 16.34
N TRP A 171 20.17 -31.58 15.63
CA TRP A 171 20.09 -31.79 14.20
C TRP A 171 19.13 -32.91 13.86
N LEU A 172 19.17 -34.00 14.63
CA LEU A 172 18.29 -35.14 14.35
C LEU A 172 16.83 -34.79 14.62
N ALA A 173 16.55 -34.04 15.69
CA ALA A 173 15.18 -33.65 15.96
C ALA A 173 14.65 -32.75 14.86
N GLY A 174 15.50 -31.87 14.32
CA GLY A 174 15.09 -31.06 13.20
C GLY A 174 14.83 -31.89 11.96
N PHE A 175 15.81 -32.72 11.58
CA PHE A 175 15.67 -33.57 10.42
C PHE A 175 14.46 -34.49 10.53
N THR A 176 14.31 -35.17 11.67
CA THR A 176 13.18 -36.07 11.85
C THR A 176 11.86 -35.32 11.75
N SER A 177 11.79 -34.12 12.33
CA SER A 177 10.61 -33.30 12.16
C SER A 177 10.28 -33.08 10.69
N GLY A 178 11.27 -33.23 9.81
CA GLY A 178 11.04 -33.03 8.40
C GLY A 178 10.66 -34.29 7.66
N GLU A 179 11.44 -35.36 7.85
CA GLU A 179 11.30 -36.56 7.06
C GLU A 179 11.08 -37.82 7.87
N GLY A 180 10.99 -37.73 9.20
CA GLY A 180 10.68 -38.90 10.00
C GLY A 180 9.19 -39.21 10.04
N THR A 181 8.89 -40.42 10.50
CA THR A 181 7.52 -40.90 10.60
C THR A 181 7.38 -41.81 11.80
N PHE A 182 6.28 -41.65 12.54
CA PHE A 182 5.97 -42.48 13.69
C PHE A 182 4.65 -43.21 13.41
N TYR A 183 4.70 -44.54 13.37
CA TYR A 183 3.57 -45.34 12.94
C TYR A 183 3.17 -46.32 14.03
N VAL A 184 1.87 -46.48 14.20
CA VAL A 184 1.31 -47.46 15.12
C VAL A 184 0.65 -48.54 14.28
N HIS A 185 1.27 -49.71 14.23
CA HIS A 185 0.83 -50.79 13.36
C HIS A 185 -0.07 -51.74 14.13
N LEU A 186 -1.25 -51.99 13.59
CA LEU A 186 -2.20 -52.92 14.19
C LEU A 186 -2.43 -54.09 13.25
N ALA A 187 -2.26 -55.29 13.79
CA ALA A 187 -2.58 -56.53 13.10
C ALA A 187 -3.61 -57.26 13.95
N LYS A 188 -4.87 -57.28 13.48
CA LYS A 188 -5.96 -57.85 14.25
C LYS A 188 -6.72 -58.93 13.49
N GLU A 190 -4.10 -64.13 13.27
CA GLU A 190 -4.95 -65.29 13.52
C GLU A 190 -6.39 -64.89 13.79
N ALA A 191 -7.23 -65.90 14.02
CA ALA A 191 -8.63 -65.69 14.33
C ALA A 191 -8.86 -65.53 15.82
N SER A 192 -7.79 -65.59 16.62
CA SER A 192 -7.84 -65.28 18.04
C SER A 192 -8.61 -63.99 18.28
N GLY A 193 -8.53 -63.06 17.33
CA GLY A 193 -9.18 -61.78 17.43
C GLY A 193 -8.44 -60.75 18.25
N LYS A 194 -7.36 -61.16 18.92
CA LYS A 194 -6.62 -60.28 19.83
C LYS A 194 -6.37 -58.90 19.25
N VAL A 195 -5.56 -58.83 18.18
CA VAL A 195 -5.18 -57.58 17.53
C VAL A 195 -3.91 -57.07 18.19
N TYR A 196 -2.78 -57.23 17.49
CA TYR A 196 -1.47 -56.90 18.03
C TYR A 196 -1.10 -55.46 17.71
N VAL A 197 -0.23 -54.89 18.54
CA VAL A 197 0.21 -53.50 18.39
C VAL A 197 1.72 -53.50 18.21
N ARG A 198 2.20 -52.58 17.38
CA ARG A 198 3.63 -52.46 17.09
C ARG A 198 3.97 -51.03 16.75
N LEU A 199 5.06 -50.54 17.31
CA LEU A 199 5.52 -49.18 17.09
C LEU A 199 6.66 -49.20 16.08
N ARG A 200 6.55 -48.35 15.06
CA ARG A 200 7.57 -48.24 14.02
C ARG A 200 7.98 -46.78 13.87
N PHE A 201 9.27 -46.57 13.66
CA PHE A 201 9.84 -45.23 13.47
C PHE A 201 10.64 -45.25 12.18
N ILE A 202 10.13 -44.60 11.15
CA ILE A 202 10.62 -44.78 9.79
C ILE A 202 11.18 -43.47 9.26
N ILE A 203 12.26 -43.56 8.48
CA ILE A 203 12.85 -42.42 7.79
C ILE A 203 13.17 -42.86 6.37
N GLY A 204 12.49 -42.26 5.40
CA GLY A 204 12.67 -42.62 4.00
C GLY A 204 13.57 -41.63 3.28
N GLN A 205 14.62 -42.17 2.66
CA GLN A 205 15.63 -41.36 1.99
C GLN A 205 15.93 -41.94 0.62
N HIS A 206 16.45 -41.09 -0.25
CA HIS A 206 16.89 -41.51 -1.56
C HIS A 206 18.21 -42.25 -1.42
N ILE A 207 18.45 -43.20 -2.34
CA ILE A 207 19.66 -44.02 -2.24
C ILE A 207 20.91 -43.17 -2.13
N ARG A 208 20.89 -41.97 -2.69
CA ARG A 208 22.09 -41.13 -2.68
C ARG A 208 22.55 -40.81 -1.26
N ASP A 209 21.62 -40.79 -0.30
CA ASP A 209 21.95 -40.51 1.09
C ASP A 209 22.20 -41.77 1.91
N LYS A 210 22.52 -42.88 1.25
CA LYS A 210 22.83 -44.11 1.97
C LYS A 210 23.70 -43.83 3.19
N ASN A 211 24.80 -43.11 3.00
CA ASN A 211 25.70 -42.79 4.09
C ASN A 211 24.95 -42.34 5.33
N LEU A 212 24.15 -41.29 5.20
CA LEU A 212 23.36 -40.82 6.33
C LEU A 212 22.67 -41.99 7.02
N MET A 213 21.88 -42.75 6.27
CA MET A 213 21.21 -43.93 6.81
C MET A 213 22.15 -44.74 7.68
N ASN A 214 23.31 -45.11 7.14
CA ASN A 214 24.27 -45.89 7.91
C ASN A 214 24.62 -45.17 9.22
N SER A 215 25.01 -43.89 9.11
CA SER A 215 25.29 -43.10 10.31
C SER A 215 24.15 -43.20 11.31
N LEU A 216 22.90 -43.15 10.81
CA LEU A 216 21.74 -43.24 11.68
C LEU A 216 21.84 -44.42 12.64
N ILE A 217 21.99 -45.63 12.11
CA ILE A 217 22.03 -46.83 12.94
C ILE A 217 23.08 -46.70 14.03
N THR A 218 24.31 -46.37 13.63
CA THR A 218 25.40 -46.29 14.60
C THR A 218 25.15 -45.19 15.62
N TYR A 219 24.62 -44.05 15.18
CA TYR A 219 24.44 -42.93 16.11
C TYR A 219 23.32 -43.20 17.09
N LEU A 220 22.30 -43.95 16.68
CA LEU A 220 21.24 -44.34 17.58
C LEU A 220 21.47 -45.70 18.22
N GLY A 221 22.36 -46.51 17.65
CA GLY A 221 22.65 -47.81 18.22
C GLY A 221 21.52 -48.81 18.11
N CYS A 222 20.68 -48.69 17.09
CA CYS A 222 19.54 -49.58 16.92
C CYS A 222 19.01 -49.37 15.50
N GLY A 223 17.95 -50.08 15.17
CA GLY A 223 17.29 -49.94 13.90
C GLY A 223 17.91 -50.82 12.82
N THR A 224 17.21 -50.88 11.69
CA THR A 224 17.59 -51.74 10.59
C THR A 224 17.22 -51.05 9.29
N ILE A 225 18.03 -51.28 8.25
CA ILE A 225 17.84 -50.60 6.96
C ILE A 225 17.21 -51.57 5.99
N GLN A 226 16.05 -51.19 5.44
CA GLN A 226 15.35 -51.98 4.44
C GLN A 226 15.54 -51.28 3.09
N GLU A 227 16.27 -51.93 2.20
CA GLU A 227 16.32 -51.43 0.84
C GLU A 227 14.95 -51.57 0.19
N LYS A 228 14.65 -50.66 -0.74
CA LYS A 228 13.35 -50.68 -1.42
C LYS A 228 13.66 -50.39 -2.88
N ASN A 229 13.92 -51.44 -3.65
CA ASN A 229 14.22 -51.33 -5.06
C ASN A 229 13.23 -52.04 -5.96
N ARG A 230 12.38 -52.92 -5.41
CA ARG A 230 11.30 -53.51 -6.20
C ARG A 230 10.08 -52.62 -6.20
N SER A 231 10.32 -51.32 -6.11
CA SER A 231 9.30 -50.29 -6.29
C SER A 231 9.95 -49.06 -6.92
N LYS A 232 11.22 -49.17 -7.30
CA LYS A 232 12.05 -48.12 -7.89
C LYS A 232 11.67 -46.71 -7.44
N GLY A 233 12.57 -46.08 -6.68
CA GLY A 233 12.38 -44.72 -6.21
C GLY A 233 13.53 -43.78 -6.52
N SER A 234 14.78 -44.21 -6.28
CA SER A 234 15.08 -45.54 -5.76
C SER A 234 14.54 -45.69 -4.36
N MET A 235 15.24 -45.14 -3.38
CA MET A 235 14.82 -45.11 -1.99
C MET A 235 15.31 -46.28 -1.13
N LEU A 236 15.33 -46.04 0.18
CA LEU A 236 15.58 -47.06 1.19
C LEU A 236 15.13 -46.49 2.54
N HIS A 237 14.82 -47.37 3.47
CA HIS A 237 14.21 -46.97 4.73
C HIS A 237 15.12 -47.31 5.90
N PHE A 238 15.03 -46.49 6.94
CA PHE A 238 15.59 -46.78 8.26
C PHE A 238 14.43 -47.00 9.20
N ILE A 239 14.37 -48.18 9.82
CA ILE A 239 13.23 -48.57 10.64
C ILE A 239 13.69 -49.03 12.01
N VAL A 240 12.93 -48.66 13.04
CA VAL A 240 13.13 -49.10 14.41
C VAL A 240 11.80 -49.58 14.95
N THR A 241 11.74 -50.85 15.36
CA THR A 241 10.48 -51.40 15.85
C THR A 241 10.66 -52.14 17.17
N LYS A 242 11.84 -52.68 17.41
CA LYS A 242 12.11 -53.37 18.66
C LYS A 242 11.75 -52.48 19.85
N PHE A 243 10.83 -52.96 20.68
CA PHE A 243 10.28 -52.10 21.72
C PHE A 243 11.37 -51.63 22.68
N SER A 244 12.34 -52.50 22.97
CA SER A 244 13.43 -52.09 23.86
C SER A 244 14.12 -50.84 23.33
N ASP A 245 14.37 -50.79 22.02
CA ASP A 245 15.05 -49.64 21.44
C ASP A 245 14.14 -48.43 21.35
N ILE A 246 12.85 -48.64 21.09
CA ILE A 246 11.93 -47.51 20.97
C ILE A 246 11.80 -46.80 22.31
N ASN A 247 11.62 -47.56 23.38
CA ASN A 247 11.36 -46.99 24.68
C ASN A 247 12.62 -46.59 25.43
N ASP A 248 13.74 -47.24 25.13
CA ASP A 248 15.01 -46.93 25.77
C ASP A 248 15.92 -46.06 24.92
N LYS A 249 15.65 -45.94 23.65
CA LYS A 249 16.59 -45.22 22.79
C LYS A 249 15.94 -44.13 21.97
N ILE A 250 14.76 -44.37 21.41
CA ILE A 250 14.14 -43.38 20.52
C ILE A 250 13.33 -42.36 21.30
N ILE A 251 12.40 -42.82 22.14
CA ILE A 251 11.52 -41.87 22.83
C ILE A 251 12.30 -40.88 23.68
N PRO A 252 13.28 -41.28 24.48
CA PRO A 252 14.04 -40.28 25.24
C PRO A 252 14.76 -39.27 24.35
N VAL A 253 15.31 -39.71 23.22
CA VAL A 253 15.97 -38.78 22.31
C VAL A 253 15.04 -37.63 21.96
N PHE A 254 13.88 -37.94 21.38
CA PHE A 254 12.95 -36.91 20.96
C PHE A 254 12.16 -36.29 22.11
N GLN A 255 12.33 -36.79 23.33
CA GLN A 255 11.70 -36.13 24.47
C GLN A 255 12.56 -34.99 25.00
N GLU A 256 13.88 -35.16 24.99
CA GLU A 256 14.80 -34.10 25.39
C GLU A 256 15.14 -33.14 24.28
N ASN A 257 14.97 -33.56 23.02
CA ASN A 257 15.22 -32.70 21.86
C ASN A 257 13.91 -32.61 21.08
N THR A 258 13.00 -31.78 21.60
CA THR A 258 11.63 -31.76 21.09
C THR A 258 11.61 -31.55 19.57
N LEU A 259 10.65 -32.20 18.92
CA LEU A 259 10.38 -31.99 17.51
C LEU A 259 9.63 -30.67 17.30
N ILE A 260 9.46 -30.30 16.04
CA ILE A 260 8.72 -29.10 15.67
C ILE A 260 7.69 -29.47 14.62
N GLY A 261 6.69 -28.61 14.48
CA GLY A 261 5.63 -28.84 13.52
C GLY A 261 4.60 -29.81 14.05
N VAL A 262 3.57 -30.05 13.23
CA VAL A 262 2.49 -30.93 13.65
C VAL A 262 3.04 -32.29 14.04
N LYS A 263 4.15 -32.71 13.44
CA LYS A 263 4.71 -34.01 13.76
C LYS A 263 4.92 -34.18 15.25
N LEU A 264 5.24 -33.10 15.96
CA LEU A 264 5.40 -33.21 17.40
C LEU A 264 4.16 -33.82 18.03
N GLU A 265 2.99 -33.24 17.74
CA GLU A 265 1.75 -33.80 18.24
C GLU A 265 1.65 -35.28 17.90
N ASP A 266 1.90 -35.64 16.64
CA ASP A 266 1.93 -37.05 16.27
C ASP A 266 2.82 -37.82 17.22
N PHE A 267 4.08 -37.39 17.33
CA PHE A 267 5.02 -38.06 18.22
C PHE A 267 4.42 -38.23 19.60
N GLU A 268 3.78 -37.18 20.12
CA GLU A 268 3.22 -37.26 21.46
C GLU A 268 2.19 -38.37 21.54
N ASP A 269 1.22 -38.38 20.64
CA ASP A 269 0.28 -39.49 20.59
C ASP A 269 1.02 -40.82 20.51
N TRP A 270 2.03 -40.90 19.66
CA TRP A 270 2.86 -42.09 19.60
C TRP A 270 3.28 -42.55 20.98
N CYS A 271 3.87 -41.63 21.75
CA CYS A 271 4.33 -42.01 23.09
C CYS A 271 3.18 -42.44 23.97
N LYS A 272 2.00 -41.84 23.80
CA LYS A 272 0.82 -42.33 24.52
C LYS A 272 0.67 -43.83 24.28
N VAL A 273 0.67 -44.23 23.02
CA VAL A 273 0.58 -45.65 22.70
C VAL A 273 1.74 -46.41 23.34
N ALA A 274 2.94 -45.82 23.30
CA ALA A 274 4.11 -46.52 23.82
C ALA A 274 3.97 -46.83 25.30
N LYS A 275 3.49 -45.86 26.09
CA LYS A 275 3.30 -46.10 27.51
C LYS A 275 2.29 -47.22 27.74
N LEU A 276 1.16 -47.18 27.02
CA LEU A 276 0.18 -48.24 27.14
C LEU A 276 0.79 -49.60 26.83
N ILE A 277 1.63 -49.66 25.80
CA ILE A 277 2.27 -50.93 25.46
C ILE A 277 3.25 -51.33 26.55
N GLU A 278 3.82 -50.35 27.26
CA GLU A 278 4.75 -50.66 28.34
C GLU A 278 4.03 -51.14 29.59
N GLU A 279 2.94 -50.48 29.96
CA GLU A 279 2.11 -50.90 31.09
C GLU A 279 1.38 -52.18 30.82
N LYS A 280 1.65 -52.85 29.71
CA LYS A 280 0.98 -54.07 29.29
C LYS A 280 -0.53 -53.92 29.19
N LYS A 281 -1.04 -52.69 29.28
CA LYS A 281 -2.47 -52.47 29.18
C LYS A 281 -2.98 -52.59 27.75
N HIS A 282 -2.11 -52.94 26.80
CA HIS A 282 -2.52 -53.09 25.41
C HIS A 282 -3.28 -54.36 25.14
N LEU A 283 -3.24 -55.34 26.05
CA LEU A 283 -3.96 -56.58 25.86
C LEU A 283 -5.43 -56.46 26.24
N THR A 284 -5.75 -55.65 27.25
CA THR A 284 -7.13 -55.42 27.60
C THR A 284 -7.83 -54.64 26.49
N GLU A 285 -9.04 -55.09 26.14
CA GLU A 285 -9.76 -54.49 25.02
C GLU A 285 -10.09 -53.02 25.24
N SER A 286 -10.30 -52.58 26.48
CA SER A 286 -10.61 -51.18 26.71
C SER A 286 -9.41 -50.29 26.36
N GLY A 287 -8.24 -50.61 26.90
CA GLY A 287 -7.05 -49.86 26.53
C GLY A 287 -6.75 -49.96 25.05
N LEU A 288 -6.96 -51.15 24.48
CA LEU A 288 -6.79 -51.30 23.03
C LEU A 288 -7.72 -50.36 22.28
N ASP A 289 -8.93 -50.14 22.80
CA ASP A 289 -9.81 -49.13 22.22
C ASP A 289 -9.17 -47.75 22.31
N GLU A 290 -8.59 -47.43 23.48
CA GLU A 290 -7.91 -46.14 23.61
C GLU A 290 -6.83 -46.00 22.54
N ILE A 291 -6.05 -47.05 22.32
CA ILE A 291 -5.00 -47.00 21.31
C ILE A 291 -5.60 -46.77 19.94
N LYS A 292 -6.61 -47.56 19.57
CA LYS A 292 -7.23 -47.40 18.26
C LYS A 292 -7.68 -45.95 18.05
N LYS A 293 -8.28 -45.35 19.07
CA LYS A 293 -8.74 -43.97 18.93
C LYS A 293 -7.60 -43.02 18.62
N ILE A 294 -6.46 -43.20 19.29
CA ILE A 294 -5.31 -42.32 19.04
C ILE A 294 -4.80 -42.50 17.62
N LYS A 295 -4.51 -43.75 17.23
CA LYS A 295 -4.02 -44.01 15.89
C LYS A 295 -4.95 -43.41 14.84
N LEU A 296 -6.27 -43.48 15.09
CA LEU A 296 -7.23 -42.93 14.14
C LEU A 296 -7.09 -41.42 13.99
N ASN A 297 -6.55 -40.73 14.98
CA ASN A 297 -6.51 -39.28 14.96
C ASN A 297 -5.09 -38.76 14.97
N MET A 298 -4.24 -39.31 14.11
CA MET A 298 -2.88 -38.84 13.98
C MET A 298 -2.40 -39.19 12.57
N ASN A 299 -1.29 -38.58 12.18
CA ASN A 299 -0.73 -38.81 10.84
C ASN A 299 -1.77 -38.32 9.83
N LYS A 300 -2.01 -39.09 8.77
CA LYS A 300 -2.97 -38.71 7.74
C LYS A 300 -4.37 -38.52 8.32
N GLY A 301 -4.67 -39.14 9.45
CA GLY A 301 -6.00 -39.05 10.00
C GLY A 301 -6.26 -37.77 10.74
N ARG A 302 -5.24 -37.17 11.32
CA ARG A 302 -5.45 -35.90 12.00
C ARG A 302 -6.08 -34.91 11.03
N VAL A 303 -6.82 -33.96 11.58
CA VAL A 303 -7.56 -32.99 10.76
C VAL A 303 -7.41 -31.61 11.39
N PHE A 304 -7.00 -30.65 10.56
CA PHE A 304 -6.61 -29.32 11.02
C PHE A 304 -7.66 -28.30 10.60
N ARG D 7 -22.34 48.70 1.98
CA ARG D 7 -23.37 49.62 2.43
C ARG D 7 -24.05 49.15 3.71
N ARG D 8 -23.27 48.57 4.62
CA ARG D 8 -23.80 48.22 5.95
C ARG D 8 -22.76 47.61 6.87
N GLU D 9 -21.53 47.40 6.40
CA GLU D 9 -20.51 46.82 7.25
C GLU D 9 -19.21 46.70 6.45
N SER D 10 -18.10 46.64 7.17
CA SER D 10 -16.80 46.42 6.56
C SER D 10 -16.34 44.98 6.77
N ILE D 11 -15.42 44.54 5.91
CA ILE D 11 -15.00 43.14 5.88
C ILE D 11 -13.53 43.06 6.25
N ASN D 12 -13.16 41.97 6.93
CA ASN D 12 -11.76 41.73 7.24
C ASN D 12 -10.96 41.63 5.94
N PRO D 13 -9.71 42.10 5.93
CA PRO D 13 -8.95 42.06 4.68
C PRO D 13 -8.77 40.66 4.15
N TRP D 14 -8.45 39.71 5.02
CA TRP D 14 -8.18 38.35 4.56
C TRP D 14 -9.45 37.65 4.12
N ILE D 15 -10.56 37.89 4.80
CA ILE D 15 -11.83 37.38 4.31
C ILE D 15 -12.09 37.93 2.92
N LEU D 16 -11.80 39.21 2.71
CA LEU D 16 -12.00 39.82 1.40
C LEU D 16 -11.16 39.13 0.33
N THR D 17 -9.87 38.93 0.61
CA THR D 17 -9.00 38.28 -0.36
C THR D 17 -9.47 36.87 -0.65
N GLY D 18 -9.87 36.12 0.38
CA GLY D 18 -10.35 34.78 0.17
C GLY D 18 -11.55 34.75 -0.76
N PHE D 19 -12.61 35.45 -0.37
CA PHE D 19 -13.81 35.51 -1.21
C PHE D 19 -13.49 35.94 -2.63
N THR D 20 -12.46 36.77 -2.81
CA THR D 20 -12.08 37.20 -4.16
C THR D 20 -11.42 36.08 -4.95
N ASP D 21 -10.67 35.20 -4.28
CA ASP D 21 -10.12 34.04 -4.96
C ASP D 21 -11.22 33.14 -5.49
N ALA D 22 -12.32 33.01 -4.74
CA ALA D 22 -13.44 32.17 -5.17
C ALA D 22 -14.21 32.82 -6.32
N GLU D 23 -14.70 34.04 -6.10
CA GLU D 23 -15.52 34.75 -7.09
C GLU D 23 -14.80 36.01 -7.53
N GLY D 24 -15.20 36.53 -8.69
CA GLY D 24 -14.69 37.78 -9.19
C GLY D 24 -13.69 37.60 -10.32
N SER D 25 -13.56 38.64 -11.14
CA SER D 25 -12.68 38.62 -12.31
C SER D 25 -11.96 39.94 -12.47
N PHE D 26 -10.68 39.88 -12.82
CA PHE D 26 -9.88 41.03 -13.22
C PHE D 26 -9.75 41.01 -14.73
N MET D 27 -10.16 42.09 -15.39
CA MET D 27 -10.26 42.10 -16.84
C MET D 27 -9.60 43.35 -17.42
N LEU D 28 -8.99 43.19 -18.59
CA LEU D 28 -8.33 44.27 -19.31
C LEU D 28 -9.01 44.43 -20.67
N ARG D 29 -9.78 45.50 -20.81
CA ARG D 29 -10.45 45.80 -22.07
C ARG D 29 -9.54 46.61 -22.97
N ILE D 30 -9.43 46.21 -24.23
CA ILE D 30 -8.66 46.92 -25.24
C ILE D 30 -9.52 47.01 -26.49
N ARG D 31 -10.10 48.18 -26.73
CA ARG D 31 -11.02 48.40 -27.84
C ARG D 31 -10.53 49.58 -28.66
N ASN D 32 -10.47 49.40 -29.99
CA ASN D 32 -9.96 50.45 -30.84
C ASN D 32 -10.88 51.66 -30.84
N THR D 33 -10.32 52.81 -31.20
CA THR D 33 -10.98 54.12 -31.15
C THR D 33 -12.49 54.09 -30.94
N ARG D 36 -13.11 55.61 -34.14
CA ARG D 36 -12.98 57.03 -34.41
C ARG D 36 -11.65 57.34 -35.06
N SER D 37 -10.62 57.48 -34.22
CA SER D 37 -9.27 57.70 -34.70
C SER D 37 -8.54 56.37 -34.86
N VAL D 38 -7.38 56.42 -35.51
CA VAL D 38 -6.58 55.21 -35.65
C VAL D 38 -5.83 54.99 -34.35
N GLY D 39 -6.51 54.47 -33.34
CA GLY D 39 -5.93 54.29 -32.04
C GLY D 39 -6.63 53.19 -31.29
N TYR D 40 -6.36 53.13 -29.97
CA TYR D 40 -6.95 52.15 -29.10
C TYR D 40 -7.16 52.75 -27.71
N TYR D 41 -8.35 52.57 -27.17
CA TYR D 41 -8.66 52.94 -25.79
C TYR D 41 -8.57 51.70 -24.91
N THR D 42 -7.86 51.83 -23.79
CA THR D 42 -7.64 50.71 -22.87
C THR D 42 -8.31 51.01 -21.53
N SER D 43 -9.20 50.11 -21.11
CA SER D 43 -9.92 50.23 -19.85
C SER D 43 -9.55 49.07 -18.94
N LEU D 44 -9.50 49.36 -17.64
CA LEU D 44 -9.24 48.35 -16.63
C LEU D 44 -10.49 48.21 -15.76
N VAL D 45 -10.89 46.97 -15.51
CA VAL D 45 -12.14 46.68 -14.80
C VAL D 45 -11.95 45.49 -13.88
N PHE D 46 -12.40 45.61 -12.64
CA PHE D 46 -12.54 44.49 -11.71
C PHE D 46 -13.98 44.44 -11.25
N GLU D 47 -14.68 43.36 -11.58
CA GLU D 47 -16.10 43.29 -11.28
C GLU D 47 -16.48 41.91 -10.74
N ILE D 48 -17.44 41.92 -9.82
CA ILE D 48 -18.03 40.75 -9.21
C ILE D 48 -19.52 40.75 -9.50
N THR D 49 -20.08 39.57 -9.74
CA THR D 49 -21.51 39.43 -10.02
C THR D 49 -22.05 38.26 -9.21
N LEU D 50 -23.04 38.52 -8.36
CA LEU D 50 -23.63 37.51 -7.49
C LEU D 50 -25.14 37.59 -7.54
N HIS D 51 -25.79 36.53 -7.05
CA HIS D 51 -27.24 36.55 -6.90
C HIS D 51 -27.67 37.56 -5.85
N ASN D 52 -28.86 38.11 -6.03
CA ASN D 52 -29.33 39.17 -5.14
C ASN D 52 -29.22 38.78 -3.67
N LYS D 53 -29.36 37.49 -3.37
CA LYS D 53 -29.29 37.05 -1.98
C LYS D 53 -28.03 37.57 -1.29
N ASP D 54 -26.92 37.64 -2.02
CA ASP D 54 -25.64 38.05 -1.45
C ASP D 54 -25.27 39.49 -1.82
N LYS D 55 -26.24 40.28 -2.27
CA LYS D 55 -25.94 41.68 -2.56
C LYS D 55 -25.24 42.34 -1.39
N SER D 56 -25.61 41.96 -0.16
CA SER D 56 -24.99 42.57 1.02
C SER D 56 -23.47 42.50 0.95
N ILE D 57 -22.92 41.37 0.51
CA ILE D 57 -21.47 41.25 0.35
C ILE D 57 -20.96 42.34 -0.58
N LEU D 58 -21.53 42.41 -1.79
CA LEU D 58 -21.16 43.46 -2.71
C LEU D 58 -21.22 44.82 -2.02
N GLU D 59 -22.22 45.00 -1.15
CA GLU D 59 -22.32 46.24 -0.40
C GLU D 59 -21.10 46.44 0.49
N ASN D 60 -20.82 45.46 1.35
CA ASN D 60 -19.76 45.60 2.34
C ASN D 60 -18.40 45.79 1.67
N ILE D 61 -18.14 45.06 0.56
CA ILE D 61 -16.91 45.29 -0.19
C ILE D 61 -16.79 46.76 -0.55
N GLN D 62 -17.82 47.32 -1.17
CA GLN D 62 -17.85 48.75 -1.43
C GLN D 62 -17.54 49.52 -0.16
N SER D 63 -18.35 49.28 0.89
CA SER D 63 -18.15 49.93 2.17
C SER D 63 -16.72 49.79 2.68
N THR D 64 -16.01 48.75 2.28
CA THR D 64 -14.65 48.53 2.77
C THR D 64 -13.62 49.31 1.97
N TRP D 65 -13.80 49.39 0.64
CA TRP D 65 -12.87 50.07 -0.24
C TRP D 65 -13.25 51.51 -0.53
N LYS D 66 -14.53 51.86 -0.40
CA LYS D 66 -15.00 53.20 -0.67
C LYS D 66 -14.81 53.59 -2.14
N VAL D 67 -14.86 52.59 -3.03
CA VAL D 67 -14.73 52.81 -4.46
C VAL D 67 -15.72 51.90 -5.19
N GLY D 68 -15.74 52.02 -6.51
CA GLY D 68 -16.55 51.14 -7.33
C GLY D 68 -18.04 51.39 -7.18
N THR D 69 -18.81 51.03 -8.20
CA THR D 69 -20.26 51.18 -8.21
C THR D 69 -20.93 49.81 -8.11
N ILE D 70 -22.20 49.84 -7.73
CA ILE D 70 -23.00 48.64 -7.57
C ILE D 70 -24.21 48.77 -8.47
N ASN D 71 -24.27 47.94 -9.51
CA ASN D 71 -25.36 48.00 -10.48
C ASN D 71 -26.34 46.87 -10.20
N ASN D 72 -27.63 47.20 -10.19
CA ASN D 72 -28.68 46.22 -9.99
C ASN D 72 -29.18 45.77 -11.35
N ARG D 73 -29.05 44.47 -11.63
CA ARG D 73 -29.39 43.94 -12.94
C ARG D 73 -30.80 43.38 -12.94
N GLY D 74 -31.37 43.30 -14.15
CA GLY D 74 -32.63 42.59 -14.30
C GLY D 74 -32.50 41.09 -14.25
N ASP D 75 -31.27 40.58 -14.38
CA ASP D 75 -31.00 39.16 -14.23
C ASP D 75 -31.43 38.63 -12.86
N GLY D 76 -31.81 39.51 -11.94
CA GLY D 76 -31.96 39.10 -10.57
C GLY D 76 -30.65 39.04 -9.82
N THR D 77 -29.61 39.69 -10.35
CA THR D 77 -28.29 39.69 -9.75
C THR D 77 -27.81 41.12 -9.57
N ALA D 78 -26.68 41.27 -8.90
CA ALA D 78 -26.06 42.56 -8.67
C ALA D 78 -24.58 42.46 -8.98
N ARG D 79 -24.01 43.56 -9.47
CA ARG D 79 -22.64 43.58 -9.95
C ARG D 79 -21.90 44.76 -9.33
N LEU D 80 -20.66 44.50 -8.92
CA LEU D 80 -19.78 45.55 -8.41
C LEU D 80 -18.59 45.65 -9.37
N SER D 81 -18.41 46.83 -9.95
CA SER D 81 -17.32 47.08 -10.89
C SER D 81 -16.51 48.27 -10.40
N VAL D 82 -15.19 48.17 -10.52
CA VAL D 82 -14.27 49.26 -10.21
C VAL D 82 -13.41 49.51 -11.43
N THR D 83 -13.61 50.65 -12.08
CA THR D 83 -12.83 51.03 -13.25
C THR D 83 -12.19 52.41 -13.17
N ARG D 84 -12.65 53.30 -12.29
CA ARG D 84 -11.98 54.58 -12.12
C ARG D 84 -10.50 54.36 -11.88
N PHE D 85 -9.69 54.86 -12.81
CA PHE D 85 -8.28 54.49 -12.85
C PHE D 85 -7.60 54.70 -11.50
N GLU D 86 -7.73 55.90 -10.95
CA GLU D 86 -7.07 56.17 -9.67
C GLU D 86 -7.65 55.30 -8.56
N ASP D 87 -8.95 54.97 -8.64
CA ASP D 87 -9.55 54.07 -7.65
C ASP D 87 -8.90 52.69 -7.68
N LEU D 88 -8.50 52.24 -8.86
CA LEU D 88 -7.84 50.93 -8.94
C LEU D 88 -6.61 50.88 -8.03
N LYS D 89 -5.99 52.02 -7.76
CA LYS D 89 -4.84 52.04 -6.84
C LYS D 89 -5.19 51.37 -5.52
N VAL D 90 -6.34 51.71 -4.95
CA VAL D 90 -6.81 51.05 -3.74
C VAL D 90 -6.70 49.53 -3.89
N ILE D 91 -7.41 48.99 -4.89
CA ILE D 91 -7.40 47.56 -5.15
C ILE D 91 -5.98 47.01 -5.13
N ILE D 92 -5.12 47.56 -6.00
CA ILE D 92 -3.76 47.03 -6.12
C ILE D 92 -3.08 47.02 -4.75
N ASP D 93 -3.21 48.12 -4.02
CA ASP D 93 -2.61 48.20 -2.68
C ASP D 93 -3.07 47.05 -1.80
N HIS D 94 -4.37 46.77 -1.81
CA HIS D 94 -4.92 45.68 -1.01
C HIS D 94 -4.19 44.37 -1.31
N PHE D 95 -4.29 43.92 -2.55
CA PHE D 95 -3.78 42.60 -2.90
C PHE D 95 -2.26 42.52 -2.87
N GLU D 96 -1.59 43.62 -2.53
CA GLU D 96 -0.18 43.53 -2.19
C GLU D 96 0.02 43.25 -0.71
N LYS D 97 -0.85 43.80 0.15
CA LYS D 97 -0.79 43.54 1.57
C LYS D 97 -1.50 42.26 1.95
N TYR D 98 -2.36 41.74 1.08
CA TYR D 98 -3.12 40.52 1.35
C TYR D 98 -3.27 39.75 0.04
N PRO D 99 -2.22 39.07 -0.39
CA PRO D 99 -2.21 38.51 -1.74
C PRO D 99 -3.15 37.32 -1.90
N LEU D 100 -3.56 37.11 -3.15
CA LEU D 100 -4.31 35.91 -3.52
C LEU D 100 -3.37 34.70 -3.55
N ILE D 101 -3.95 33.53 -3.81
CA ILE D 101 -3.15 32.30 -3.82
C ILE D 101 -3.62 31.36 -4.93
N THR D 102 -4.84 31.56 -5.43
CA THR D 102 -5.33 30.71 -6.51
C THR D 102 -4.76 31.17 -7.85
N GLN D 103 -5.11 30.45 -8.91
CA GLN D 103 -4.63 30.85 -10.23
C GLN D 103 -5.11 32.23 -10.61
N LYS D 104 -6.18 32.73 -10.00
CA LYS D 104 -6.59 34.10 -10.24
C LYS D 104 -5.44 35.06 -9.95
N LEU D 105 -4.56 34.69 -9.02
CA LEU D 105 -3.41 35.52 -8.71
C LEU D 105 -2.65 35.93 -9.95
N GLY D 106 -2.39 34.97 -10.85
CA GLY D 106 -1.69 35.31 -12.08
C GLY D 106 -2.34 36.45 -12.82
N ASP D 107 -3.63 36.29 -13.13
CA ASP D 107 -4.39 37.34 -13.80
C ASP D 107 -4.24 38.65 -13.07
N TYR D 108 -4.39 38.64 -11.74
CA TYR D 108 -4.20 39.88 -10.98
C TYR D 108 -2.83 40.47 -11.24
N LYS D 109 -1.78 39.65 -11.22
CA LYS D 109 -0.44 40.15 -11.47
C LYS D 109 -0.37 40.87 -12.81
N LEU D 110 -0.88 40.25 -13.87
CA LEU D 110 -0.93 40.92 -15.16
C LEU D 110 -1.68 42.24 -15.06
N PHE D 111 -2.81 42.23 -14.34
CA PHE D 111 -3.51 43.46 -13.98
C PHE D 111 -2.55 44.53 -13.50
N LYS D 112 -1.85 44.24 -12.39
CA LYS D 112 -0.88 45.19 -11.85
C LYS D 112 0.08 45.68 -12.93
N GLN D 113 0.65 44.76 -13.71
CA GLN D 113 1.53 45.17 -14.80
C GLN D 113 0.86 46.24 -15.67
N ALA D 114 -0.31 45.91 -16.20
CA ALA D 114 -1.02 46.83 -17.07
C ALA D 114 -1.21 48.20 -16.41
N PHE D 115 -1.56 48.21 -15.12
CA PHE D 115 -1.78 49.49 -14.44
C PHE D 115 -0.55 50.38 -14.54
N SER D 116 0.63 49.81 -14.29
CA SER D 116 1.84 50.63 -14.36
C SER D 116 2.06 51.19 -15.76
N VAL D 117 1.76 50.39 -16.80
CA VAL D 117 1.90 50.89 -18.16
C VAL D 117 1.00 52.10 -18.37
N MET D 118 -0.22 52.04 -17.86
CA MET D 118 -1.14 53.16 -17.98
C MET D 118 -0.84 54.26 -16.96
N GLU D 119 -0.11 53.95 -15.89
CA GLU D 119 0.22 54.97 -14.90
C GLU D 119 1.07 56.06 -15.52
N ASN D 120 2.06 55.68 -16.31
CA ASN D 120 2.83 56.64 -17.08
C ASN D 120 1.99 57.15 -18.26
N LYS D 121 2.45 58.25 -18.85
CA LYS D 121 1.75 58.85 -19.99
C LYS D 121 2.16 58.24 -21.32
N GLU D 122 2.55 56.97 -21.35
CA GLU D 122 2.94 56.32 -22.59
C GLU D 122 1.91 55.34 -23.13
N HIS D 123 0.86 55.01 -22.38
CA HIS D 123 -0.11 54.03 -22.88
C HIS D 123 -0.74 54.48 -24.19
N LEU D 124 -0.94 55.78 -24.37
CA LEU D 124 -1.48 56.29 -25.62
C LEU D 124 -0.50 56.17 -26.78
N LYS D 125 0.67 55.59 -26.57
CA LYS D 125 1.69 55.48 -27.61
C LYS D 125 1.68 54.10 -28.24
N GLU D 126 2.24 54.02 -29.45
CA GLU D 126 2.31 52.74 -30.13
C GLU D 126 2.97 51.69 -29.25
N ASN D 127 4.05 52.06 -28.56
CA ASN D 127 4.64 51.17 -27.57
C ASN D 127 3.60 50.77 -26.53
N GLY D 128 2.83 51.73 -26.05
CA GLY D 128 1.77 51.42 -25.10
C GLY D 128 0.85 50.32 -25.61
N ILE D 129 0.33 50.49 -26.83
CA ILE D 129 -0.55 49.48 -27.40
C ILE D 129 0.16 48.14 -27.47
N LYS D 130 1.41 48.13 -27.93
CA LYS D 130 2.13 46.88 -28.09
C LYS D 130 2.26 46.14 -26.77
N GLU D 131 2.62 46.86 -25.71
CA GLU D 131 2.80 46.22 -24.42
C GLU D 131 1.48 45.74 -23.86
N LEU D 132 0.47 46.62 -23.84
CA LEU D 132 -0.81 46.25 -23.25
C LEU D 132 -1.43 45.06 -23.98
N VAL D 133 -1.20 44.96 -25.29
CA VAL D 133 -1.63 43.76 -26.00
C VAL D 133 -0.82 42.55 -25.55
N ARG D 134 0.50 42.72 -25.44
CA ARG D 134 1.32 41.62 -24.94
C ARG D 134 0.83 41.12 -23.60
N ILE D 135 0.18 41.98 -22.81
CA ILE D 135 -0.34 41.58 -21.51
C ILE D 135 -1.69 40.90 -21.63
N LYS D 136 -2.62 41.51 -22.38
CA LYS D 136 -3.96 40.94 -22.49
C LYS D 136 -3.94 39.56 -23.11
N ALA D 137 -2.96 39.29 -23.97
CA ALA D 137 -2.92 37.98 -24.61
C ALA D 137 -2.75 36.87 -23.58
N LYS D 138 -2.13 37.18 -22.44
CA LYS D 138 -1.84 36.17 -21.45
C LYS D 138 -2.97 35.96 -20.44
N MET D 139 -3.71 37.02 -20.09
CA MET D 139 -4.69 36.93 -19.02
C MET D 139 -6.06 36.60 -19.57
N ASN D 140 -6.82 35.82 -18.79
CA ASN D 140 -8.21 35.48 -19.10
C ASN D 140 -8.22 34.79 -20.47
N TRP D 141 -9.24 34.99 -21.27
CA TRP D 141 -9.38 34.31 -22.55
C TRP D 141 -8.47 34.85 -23.59
N GLY D 142 -7.57 35.75 -23.22
CA GLY D 142 -6.64 36.22 -24.22
C GLY D 142 -7.29 37.15 -25.23
N LEU D 143 -6.63 37.24 -26.38
CA LEU D 143 -7.05 38.16 -27.43
C LEU D 143 -8.28 37.64 -28.16
N ASN D 144 -9.21 38.54 -28.44
CA ASN D 144 -10.27 38.23 -29.36
C ASN D 144 -9.71 38.07 -30.77
N ASP D 145 -10.57 37.62 -31.69
CA ASP D 145 -10.10 37.38 -33.05
C ASP D 145 -9.56 38.67 -33.68
N GLU D 146 -10.22 39.80 -33.44
CA GLU D 146 -9.82 41.06 -34.06
C GLU D 146 -8.40 41.44 -33.66
N LEU D 147 -8.14 41.54 -32.36
CA LEU D 147 -6.81 41.91 -31.91
C LEU D 147 -5.76 40.91 -32.38
N LYS D 148 -6.15 39.66 -32.58
CA LYS D 148 -5.20 38.66 -33.07
C LYS D 148 -4.77 38.97 -34.50
N LYS D 149 -5.69 39.47 -35.33
CA LYS D 149 -5.33 39.81 -36.69
C LYS D 149 -4.56 41.13 -36.75
N ALA D 150 -4.92 42.09 -35.91
CA ALA D 150 -4.23 43.38 -35.93
C ALA D 150 -2.80 43.27 -35.41
N PHE D 151 -2.55 42.33 -34.49
CA PHE D 151 -1.25 42.18 -33.84
C PHE D 151 -0.78 40.74 -33.93
N PRO D 152 -0.21 40.34 -35.06
CA PRO D 152 0.52 39.07 -35.10
C PRO D 152 1.71 39.14 -34.16
N GLU D 153 1.67 38.37 -33.08
CA GLU D 153 2.72 38.38 -32.06
C GLU D 153 2.98 36.94 -31.65
N ASN D 154 3.83 36.77 -30.65
CA ASN D 154 4.24 35.46 -30.14
C ASN D 154 3.56 35.22 -28.80
N ILE D 155 2.70 34.20 -28.75
CA ILE D 155 2.02 33.84 -27.51
C ILE D 155 1.95 32.32 -27.40
N GLU D 158 2.25 29.65 -22.34
CA GLU D 158 2.98 30.75 -21.71
C GLU D 158 2.50 31.01 -20.29
N ARG D 159 1.40 30.35 -19.90
CA ARG D 159 0.79 30.60 -18.60
C ARG D 159 1.16 29.47 -17.64
N PRO D 160 2.13 29.66 -16.75
CA PRO D 160 2.46 28.64 -15.77
C PRO D 160 1.57 28.73 -14.53
N LEU D 161 1.43 27.60 -13.86
CA LEU D 161 0.57 27.52 -12.69
C LEU D 161 1.18 28.24 -11.50
N ILE D 162 0.34 28.84 -10.70
CA ILE D 162 0.75 29.45 -9.44
C ILE D 162 0.56 28.42 -8.35
N ASN D 163 1.49 28.37 -7.40
CA ASN D 163 1.43 27.40 -6.32
C ASN D 163 1.76 28.12 -5.01
N LYS D 164 0.75 28.74 -4.41
CA LYS D 164 0.89 29.40 -3.12
C LYS D 164 0.19 28.61 -2.04
N ASN D 165 0.62 28.80 -0.80
CA ASN D 165 0.09 28.08 0.34
C ASN D 165 -0.95 28.93 1.06
N ILE D 166 -1.99 28.27 1.56
CA ILE D 166 -3.07 28.94 2.25
C ILE D 166 -2.52 29.82 3.37
N PRO D 167 -2.85 31.09 3.40
CA PRO D 167 -2.26 31.98 4.41
C PRO D 167 -2.76 31.74 5.83
N ASN D 168 -4.08 31.73 6.02
CA ASN D 168 -4.64 31.67 7.37
C ASN D 168 -6.08 31.17 7.28
N LEU D 169 -6.75 31.13 8.44
CA LEU D 169 -8.12 30.63 8.47
C LEU D 169 -9.11 31.64 7.92
N LYS D 170 -8.86 32.94 8.11
CA LYS D 170 -9.79 33.94 7.59
C LYS D 170 -9.89 33.86 6.07
N TRP D 171 -8.75 33.70 5.40
CA TRP D 171 -8.77 33.49 3.95
C TRP D 171 -9.65 32.30 3.60
N LEU D 172 -9.54 31.21 4.37
CA LEU D 172 -10.33 30.02 4.07
C LEU D 172 -11.81 30.28 4.30
N ALA D 173 -12.16 31.04 5.33
CA ALA D 173 -13.56 31.35 5.57
C ALA D 173 -14.12 32.19 4.44
N GLY D 174 -13.30 33.09 3.88
CA GLY D 174 -13.75 33.86 2.73
C GLY D 174 -13.95 32.98 1.50
N PHE D 175 -12.91 32.23 1.13
CA PHE D 175 -13.00 31.37 -0.04
C PHE D 175 -14.16 30.39 0.09
N THR D 176 -14.25 29.74 1.26
CA THR D 176 -15.34 28.80 1.49
C THR D 176 -16.69 29.49 1.37
N SER D 177 -16.81 30.70 1.92
CA SER D 177 -18.03 31.47 1.76
C SER D 177 -18.40 31.67 0.31
N GLY D 178 -17.42 31.58 -0.59
CA GLY D 178 -17.66 31.75 -2.01
C GLY D 178 -17.98 30.47 -2.75
N GLU D 179 -17.15 29.45 -2.57
CA GLU D 179 -17.26 28.22 -3.35
C GLU D 179 -17.41 26.96 -2.52
N GLY D 180 -17.43 27.05 -1.20
CA GLY D 180 -17.69 25.88 -0.40
C GLY D 180 -19.17 25.57 -0.31
N THR D 181 -19.46 24.34 0.14
CA THR D 181 -20.84 23.86 0.25
C THR D 181 -20.91 22.86 1.39
N PHE D 182 -22.01 22.92 2.16
CA PHE D 182 -22.26 22.02 3.27
C PHE D 182 -23.52 21.21 3.00
N TYR D 183 -23.38 19.89 2.91
CA TYR D 183 -24.45 19.00 2.46
C TYR D 183 -24.78 17.93 3.48
N VAL D 184 -26.08 17.64 3.61
CA VAL D 184 -26.59 16.57 4.47
C VAL D 184 -27.14 15.48 3.56
N HIS D 185 -26.45 14.34 3.51
CA HIS D 185 -26.73 13.28 2.56
C HIS D 185 -27.64 12.23 3.17
N LEU D 186 -28.76 11.96 2.52
CA LEU D 186 -29.67 10.91 2.96
C LEU D 186 -29.86 9.86 1.88
N GLU D 190 -29.89 0.53 3.02
CA GLU D 190 -30.98 0.04 2.17
C GLU D 190 -32.33 0.55 2.68
N ALA D 191 -33.39 0.15 1.99
CA ALA D 191 -34.74 0.59 2.33
C ALA D 191 -35.34 -0.35 3.36
N SER D 192 -35.72 0.20 4.51
CA SER D 192 -36.45 -0.53 5.54
C SER D 192 -37.22 0.45 6.41
N GLY D 193 -36.66 1.65 6.57
CA GLY D 193 -37.25 2.66 7.42
C GLY D 193 -36.18 3.37 8.22
N LYS D 194 -36.24 4.70 8.24
CA LYS D 194 -35.24 5.53 8.90
C LYS D 194 -33.98 5.64 8.05
N VAL D 195 -34.01 6.50 7.03
CA VAL D 195 -32.84 6.65 6.17
C VAL D 195 -31.65 7.11 7.00
N TYR D 196 -30.46 6.82 6.51
CA TYR D 196 -29.22 7.13 7.22
C TYR D 196 -28.74 8.53 6.85
N VAL D 197 -27.94 9.11 7.75
CA VAL D 197 -27.48 10.49 7.63
C VAL D 197 -25.96 10.55 7.56
N ARG D 198 -25.45 11.51 6.78
CA ARG D 198 -24.02 11.71 6.61
C ARG D 198 -23.77 13.16 6.25
N LEU D 199 -22.76 13.76 6.88
CA LEU D 199 -22.40 15.16 6.65
C LEU D 199 -21.21 15.23 5.70
N ARG D 200 -21.33 16.06 4.68
CA ARG D 200 -20.28 16.24 3.68
C ARG D 200 -19.97 17.71 3.51
N PHE D 201 -18.69 18.02 3.31
CA PHE D 201 -18.20 19.37 3.10
C PHE D 201 -17.39 19.40 1.82
N ILE D 202 -17.91 20.02 0.76
CA ILE D 202 -17.39 19.87 -0.59
C ILE D 202 -16.89 21.21 -1.11
N ILE D 203 -15.78 21.17 -1.86
CA ILE D 203 -15.21 22.33 -2.54
C ILE D 203 -14.85 21.90 -3.95
N GLY D 204 -15.53 22.47 -4.95
CA GLY D 204 -15.29 22.12 -6.34
C GLY D 204 -14.45 23.16 -7.05
N GLN D 205 -13.33 22.71 -7.61
CA GLN D 205 -12.38 23.59 -8.27
C GLN D 205 -11.94 22.97 -9.59
N HIS D 206 -11.50 23.83 -10.50
CA HIS D 206 -10.96 23.41 -11.78
C HIS D 206 -9.57 22.84 -11.62
N ILE D 207 -9.20 21.94 -12.55
CA ILE D 207 -7.91 21.27 -12.49
C ILE D 207 -6.78 22.29 -12.36
N ARG D 208 -6.97 23.49 -12.90
CA ARG D 208 -5.90 24.48 -12.89
C ARG D 208 -5.48 24.83 -11.47
N ASP D 209 -6.39 24.72 -10.51
CA ASP D 209 -6.11 25.02 -9.11
C ASP D 209 -5.75 23.78 -8.31
N LYS D 210 -5.35 22.70 -8.98
CA LYS D 210 -4.96 21.47 -8.28
C LYS D 210 -4.11 21.77 -7.07
N ASN D 211 -3.04 22.54 -7.27
CA ASN D 211 -2.15 22.88 -6.16
C ASN D 211 -2.95 23.26 -4.92
N LEU D 212 -3.80 24.28 -5.05
CA LEU D 212 -4.64 24.70 -3.93
C LEU D 212 -5.29 23.51 -3.23
N MET D 213 -6.05 22.71 -3.99
CA MET D 213 -6.70 21.54 -3.43
C MET D 213 -5.78 20.77 -2.49
N ASN D 214 -4.60 20.39 -2.98
CA ASN D 214 -3.68 19.63 -2.15
C ASN D 214 -3.38 20.35 -0.84
N SER D 215 -2.97 21.61 -0.92
CA SER D 215 -2.73 22.40 0.28
C SER D 215 -3.91 22.29 1.24
N LEU D 216 -5.13 22.31 0.70
CA LEU D 216 -6.34 22.20 1.52
C LEU D 216 -6.23 21.04 2.51
N ILE D 217 -6.05 19.82 2.00
CA ILE D 217 -5.99 18.67 2.87
C ILE D 217 -4.95 18.88 3.97
N THR D 218 -3.73 19.25 3.57
CA THR D 218 -2.66 19.38 4.55
C THR D 218 -2.99 20.44 5.59
N TYR D 219 -3.60 21.56 5.17
CA TYR D 219 -3.88 22.62 6.12
C TYR D 219 -5.01 22.23 7.06
N LEU D 220 -5.96 21.44 6.59
CA LEU D 220 -7.04 20.96 7.44
C LEU D 220 -6.76 19.59 8.03
N GLY D 221 -5.82 18.83 7.45
CA GLY D 221 -5.47 17.53 7.98
C GLY D 221 -6.53 16.47 7.84
N CYS D 222 -7.39 16.56 6.83
CA CYS D 222 -8.47 15.61 6.65
C CYS D 222 -9.02 15.79 5.24
N GLY D 223 -10.03 14.99 4.91
CA GLY D 223 -10.69 15.10 3.62
C GLY D 223 -9.96 14.33 2.53
N THR D 224 -10.61 14.25 1.38
CA THR D 224 -10.08 13.51 0.25
C THR D 224 -10.51 14.18 -1.05
N ILE D 225 -9.64 14.11 -2.06
CA ILE D 225 -9.85 14.77 -3.34
C ILE D 225 -10.31 13.73 -4.37
N GLN D 226 -11.44 13.98 -5.00
CA GLN D 226 -12.01 13.09 -6.02
C GLN D 226 -11.76 13.66 -7.41
N GLU D 227 -10.98 12.94 -8.22
CA GLU D 227 -10.83 13.30 -9.61
C GLU D 227 -12.17 13.12 -10.34
N LYS D 228 -12.38 13.92 -11.38
CA LYS D 228 -13.64 13.92 -12.13
C LYS D 228 -13.33 14.10 -13.61
N ASN D 229 -13.33 13.01 -14.36
CA ASN D 229 -13.08 13.09 -15.79
C ASN D 229 -14.28 12.68 -16.62
N ARG D 230 -15.29 12.07 -16.01
CA ARG D 230 -16.54 11.71 -16.69
C ARG D 230 -17.61 12.78 -16.58
N SER D 231 -17.27 14.06 -16.64
CA SER D 231 -18.32 15.06 -16.66
C SER D 231 -17.90 16.27 -17.49
N LYS D 232 -18.90 17.01 -17.94
CA LYS D 232 -18.67 18.29 -18.61
C LYS D 232 -17.83 19.20 -17.72
N GLY D 233 -16.67 19.57 -18.23
CA GLY D 233 -15.70 20.34 -17.46
C GLY D 233 -14.56 19.45 -16.98
N SER D 234 -13.60 20.09 -16.32
CA SER D 234 -12.41 19.41 -15.80
C SER D 234 -12.25 19.85 -14.34
N MET D 235 -13.09 19.31 -13.48
CA MET D 235 -13.14 19.65 -12.07
C MET D 235 -12.68 18.50 -11.19
N LEU D 236 -12.51 18.81 -9.92
CA LEU D 236 -12.23 17.81 -8.91
C LEU D 236 -12.66 18.38 -7.56
N HIS D 237 -12.92 17.48 -6.61
CA HIS D 237 -13.55 17.84 -5.36
C HIS D 237 -12.62 17.60 -4.18
N PHE D 238 -12.78 18.43 -3.16
CA PHE D 238 -12.21 18.21 -1.83
C PHE D 238 -13.38 17.91 -0.91
N ILE D 239 -13.38 16.74 -0.30
CA ILE D 239 -14.53 16.28 0.46
C ILE D 239 -14.11 15.83 1.85
N VAL D 240 -14.94 16.16 2.83
CA VAL D 240 -14.77 15.71 4.21
C VAL D 240 -16.11 15.15 4.67
N THR D 241 -16.12 13.88 5.02
CA THR D 241 -17.34 13.22 5.47
C THR D 241 -17.16 12.45 6.76
N LYS D 242 -15.94 11.99 7.08
CA LYS D 242 -15.68 11.36 8.36
C LYS D 242 -16.13 12.26 9.48
N PHE D 243 -17.05 11.77 10.32
CA PHE D 243 -17.67 12.63 11.31
C PHE D 243 -16.64 13.16 12.31
N SER D 244 -15.63 12.35 12.65
CA SER D 244 -14.61 12.82 13.57
C SER D 244 -13.93 14.07 13.04
N ASP D 245 -13.61 14.08 11.74
CA ASP D 245 -13.00 15.27 11.14
C ASP D 245 -14.02 16.39 11.02
N ILE D 246 -15.28 16.04 10.75
CA ILE D 246 -16.31 17.06 10.61
C ILE D 246 -16.52 17.79 11.93
N ASN D 247 -16.59 17.04 13.03
CA ASN D 247 -16.94 17.66 14.30
C ASN D 247 -15.74 18.27 15.01
N ASP D 248 -14.54 17.72 14.81
CA ASP D 248 -13.36 18.19 15.51
C ASP D 248 -12.47 19.10 14.66
N LYS D 249 -12.66 19.15 13.37
CA LYS D 249 -11.75 19.90 12.54
C LYS D 249 -12.43 20.91 11.64
N ILE D 250 -13.56 20.56 11.03
CA ILE D 250 -14.20 21.47 10.10
C ILE D 250 -15.08 22.46 10.83
N ILE D 251 -16.00 21.97 11.66
CA ILE D 251 -16.96 22.85 12.31
C ILE D 251 -16.27 23.91 13.18
N PRO D 252 -15.30 23.57 14.01
CA PRO D 252 -14.65 24.62 14.82
C PRO D 252 -13.96 25.69 13.99
N VAL D 253 -13.31 25.31 12.88
CA VAL D 253 -12.66 26.30 12.02
C VAL D 253 -13.64 27.39 11.63
N PHE D 254 -14.74 27.01 10.98
CA PHE D 254 -15.70 27.98 10.51
C PHE D 254 -16.56 28.56 11.63
N GLN D 255 -16.41 28.09 12.85
CA GLN D 255 -17.10 28.73 13.96
C GLN D 255 -16.31 29.91 14.51
N GLU D 256 -14.99 29.81 14.57
CA GLU D 256 -14.15 30.89 15.02
C GLU D 256 -13.81 31.88 13.91
N ASN D 257 -13.95 31.48 12.65
CA ASN D 257 -13.71 32.34 11.51
C ASN D 257 -15.00 32.41 10.70
N THR D 258 -15.93 33.22 11.17
CA THR D 258 -17.30 33.19 10.67
C THR D 258 -17.33 33.30 9.15
N LEU D 259 -18.30 32.61 8.56
CA LEU D 259 -18.56 32.75 7.14
C LEU D 259 -19.30 34.05 6.87
N ILE D 260 -19.49 34.36 5.60
CA ILE D 260 -20.22 35.55 5.18
C ILE D 260 -21.23 35.15 4.13
N GLY D 261 -22.24 36.00 3.96
CA GLY D 261 -23.27 35.74 2.96
C GLY D 261 -24.30 34.75 3.45
N VAL D 262 -25.28 34.49 2.59
CA VAL D 262 -26.35 33.58 2.93
C VAL D 262 -25.80 32.21 3.33
N LYS D 263 -24.65 31.82 2.78
CA LYS D 263 -24.07 30.52 3.12
C LYS D 263 -23.92 30.36 4.62
N LEU D 264 -23.74 31.46 5.34
CA LEU D 264 -23.62 31.37 6.79
C LEU D 264 -24.78 30.59 7.41
N GLU D 265 -26.01 30.97 7.08
CA GLU D 265 -27.17 30.25 7.58
C GLU D 265 -27.07 28.75 7.28
N ASP D 266 -26.78 28.40 6.03
CA ASP D 266 -26.58 26.99 5.69
C ASP D 266 -25.61 26.33 6.66
N PHE D 267 -24.41 26.92 6.80
CA PHE D 267 -23.45 26.34 7.74
C PHE D 267 -24.07 26.14 9.11
N GLU D 268 -24.87 27.10 9.57
CA GLU D 268 -25.47 26.99 10.89
C GLU D 268 -26.41 25.78 10.97
N ASP D 269 -27.37 25.69 10.05
CA ASP D 269 -28.24 24.52 10.05
C ASP D 269 -27.43 23.22 10.02
N TRP D 270 -26.41 23.19 9.15
CA TRP D 270 -25.48 22.07 9.12
C TRP D 270 -25.03 21.73 10.53
N CYS D 271 -24.57 22.73 11.27
CA CYS D 271 -24.08 22.48 12.62
C CYS D 271 -25.19 21.96 13.52
N LYS D 272 -26.41 22.45 13.33
CA LYS D 272 -27.54 21.85 14.04
C LYS D 272 -27.61 20.35 13.80
N VAL D 273 -27.59 19.94 12.53
CA VAL D 273 -27.63 18.51 12.20
C VAL D 273 -26.47 17.78 12.88
N ALA D 274 -25.29 18.39 12.90
CA ALA D 274 -24.13 17.72 13.48
C ALA D 274 -24.36 17.41 14.94
N LYS D 275 -24.99 18.32 15.68
CA LYS D 275 -25.28 18.07 17.09
C LYS D 275 -26.15 16.83 17.25
N LEU D 276 -27.19 16.70 16.43
CA LEU D 276 -28.06 15.52 16.53
C LEU D 276 -27.25 14.25 16.34
N ILE D 277 -26.31 14.24 15.38
CA ILE D 277 -25.48 13.05 15.18
C ILE D 277 -24.53 12.86 16.35
N GLU D 278 -24.14 13.95 17.00
CA GLU D 278 -23.25 13.84 18.15
C GLU D 278 -24.02 13.33 19.36
N GLU D 279 -25.23 13.87 19.58
CA GLU D 279 -26.13 13.37 20.61
C GLU D 279 -26.69 12.03 20.25
N LYS D 280 -26.24 11.43 19.15
CA LYS D 280 -26.73 10.16 18.65
C LYS D 280 -28.25 10.16 18.42
N LYS D 281 -28.87 11.33 18.44
CA LYS D 281 -30.31 11.41 18.26
C LYS D 281 -30.75 11.18 16.82
N HIS D 282 -29.84 10.92 15.89
CA HIS D 282 -30.25 10.69 14.51
C HIS D 282 -30.87 9.33 14.30
N LEU D 283 -30.72 8.41 15.26
CA LEU D 283 -31.37 7.11 15.16
C LEU D 283 -32.85 7.19 15.54
N THR D 284 -33.19 8.05 16.50
CA THR D 284 -34.59 8.23 16.87
C THR D 284 -35.39 8.77 15.70
N GLU D 285 -36.56 8.18 15.47
CA GLU D 285 -37.39 8.63 14.34
C GLU D 285 -37.76 10.09 14.49
N SER D 286 -37.92 10.57 15.72
CA SER D 286 -38.20 11.98 15.95
C SER D 286 -37.02 12.83 15.51
N GLY D 287 -35.81 12.46 15.92
CA GLY D 287 -34.64 13.20 15.48
C GLY D 287 -34.46 13.18 13.97
N LEU D 288 -34.72 12.04 13.34
CA LEU D 288 -34.71 12.00 11.89
C LEU D 288 -35.76 12.93 11.31
N ASP D 289 -36.89 13.08 11.99
CA ASP D 289 -37.89 14.07 11.55
C ASP D 289 -37.33 15.49 11.63
N GLU D 290 -36.66 15.82 12.74
CA GLU D 290 -36.05 17.14 12.85
C GLU D 290 -35.02 17.37 11.75
N ILE D 291 -34.18 16.37 11.48
CA ILE D 291 -33.15 16.51 10.45
C ILE D 291 -33.79 16.72 9.09
N LYS D 292 -34.72 15.84 8.71
CA LYS D 292 -35.40 15.99 7.43
C LYS D 292 -35.97 17.39 7.28
N LYS D 293 -36.56 17.91 8.36
CA LYS D 293 -37.07 19.27 8.32
C LYS D 293 -35.95 20.26 8.02
N ILE D 294 -34.77 20.02 8.58
CA ILE D 294 -33.65 20.95 8.38
C ILE D 294 -33.20 20.94 6.93
N LYS D 295 -32.77 19.77 6.44
CA LYS D 295 -32.28 19.66 5.07
C LYS D 295 -33.32 20.13 4.06
N LEU D 296 -34.60 19.92 4.34
CA LEU D 296 -35.63 20.33 3.39
C LEU D 296 -35.62 21.83 3.16
N ASN D 297 -35.11 22.61 4.11
CA ASN D 297 -35.18 24.06 4.02
C ASN D 297 -33.79 24.68 4.02
N MET D 298 -32.88 24.17 3.19
CA MET D 298 -31.55 24.75 3.12
C MET D 298 -30.93 24.48 1.76
N ASN D 299 -29.85 25.18 1.47
CA ASN D 299 -29.11 25.11 0.20
C ASN D 299 -30.07 25.57 -0.90
N LYS D 300 -30.13 24.87 -2.04
CA LYS D 300 -31.03 25.33 -3.09
C LYS D 300 -32.46 25.39 -2.61
N GLY D 301 -32.82 24.56 -1.64
CA GLY D 301 -34.15 24.57 -1.09
C GLY D 301 -34.28 25.59 0.01
N ARG D 302 -34.12 26.87 -0.32
CA ARG D 302 -34.21 27.90 0.69
C ARG D 302 -35.15 28.99 0.21
N VAL D 303 -36.06 29.39 1.09
CA VAL D 303 -37.01 30.46 0.79
C VAL D 303 -36.27 31.76 0.54
N PHE D 304 -35.53 31.81 -0.58
CA PHE D 304 -34.74 32.98 -0.92
C PHE D 304 -33.61 33.20 0.08
CA CA G . 7.61 -33.65 5.99
CA CA H . 12.66 -33.84 1.54
C1 GOL I . 8.32 -26.89 -17.01
O1 GOL I . 8.35 -28.28 -17.24
C2 GOL I . 7.10 -26.54 -16.18
O2 GOL I . 7.00 -27.38 -15.06
C3 GOL I . 7.21 -25.11 -15.69
O3 GOL I . 5.93 -24.66 -15.32
H11 GOL I . 9.23 -26.59 -16.49
H12 GOL I . 8.29 -26.37 -17.97
HO1 GOL I . 9.10 -28.50 -17.83
H2 GOL I . 6.21 -26.63 -16.80
HO2 GOL I . 7.81 -27.27 -14.50
H31 GOL I . 7.89 -25.05 -14.85
H32 GOL I . 7.60 -24.48 -16.49
HO3 GOL I . 5.80 -23.74 -15.62
CA CA J . -21.07 31.11 -4.60
CA CA K . -15.05 30.97 -8.96
C1 GOL L . -20.37 37.04 -26.51
O1 GOL L . -19.74 38.24 -26.89
C2 GOL L . -21.66 37.38 -25.78
O2 GOL L . -21.40 37.51 -24.39
C3 GOL L . -22.24 38.66 -26.33
O3 GOL L . -21.22 39.61 -26.49
H11 GOL L . -20.59 36.44 -27.39
H12 GOL L . -19.70 36.48 -25.86
HO1 GOL L . -18.89 38.04 -27.32
H2 GOL L . -22.37 36.58 -25.94
HO2 GOL L . -20.77 38.25 -24.24
H31 GOL L . -22.72 38.47 -27.29
H32 GOL L . -22.99 39.05 -25.65
HO3 GOL L . -20.90 39.90 -25.62
#